data_5H8W
#
_entry.id   5H8W
#
_cell.length_a   78.569
_cell.length_b   78.569
_cell.length_c   177.832
_cell.angle_alpha   90.00
_cell.angle_beta   90.00
_cell.angle_gamma   120.00
#
_symmetry.space_group_name_H-M   'P 65'
#
loop_
_entity.id
_entity.type
_entity.pdbx_description
1 polymer 'ATP-dependent DNA helicase Ta0057'
2 polymer "DNA (5'-D(P*TP*AP*CP*GP*A)-3')"
3 non-polymer 'IRON/SULFUR CLUSTER'
4 non-polymer 'SODIUM ION'
5 water water
#
loop_
_entity_poly.entity_id
_entity_poly.type
_entity_poly.pdbx_seq_one_letter_code
_entity_poly.pdbx_strand_id
1 'polypeptide(L)'
;MQKSYGVALESPTGSGKTIMALKSALQYSSERKLKVLYLVRTNSQEEQVIKELRSLSSTMKIRAIPMQGRVNMCILYRMV
DDLHEINAESLAKFCNMKKREVMAGNEAACPYFNFKIRSDETKRFLFDELPTAEEFYDYGERNNVCPYESMKAALPDADI
VIAPYAYFLNRSVAEKFLSHWGVSRNQIVIILDEAHNLPDIGRSIGSFRISVESLNRADREAQAYGDPELSQKIHVSDLI
EMIRSALQSMVSERCGKGDVRIRFQEFMEYMRIMNKRSEREIRSLLNALYLFGEYVENEKEKVGKVPFSYASSVASRIIA
FSDQDEEKYAAILSPEDGGYMQAAALDPSGILEVLKESKTIHMSGTLDPFDFYSDITGFEIPFKKIGEIFPPENRYIAYY
DGVSSKYDTLDEKELDRMATVIEDIILKVKKNTIVYFPSYSLMDRVENRVSFEHMKEYRGIDQKELYSMLKKFRRDHGTI
FAVSGGRLSEGINFPGNELEMIILAGLPFPRPDAINRSLFDYYCRKYGKGWEYSVVYPTAIKIRQEIGRLIRSAEDTGAA
VILDKRAGQFRKFIPDMKKTSDPASDIYNFFISAQAR
;
A
2 'polydeoxyribonucleotide' (DT)(DA)(DC)(DG)(DA) E
#
loop_
_chem_comp.id
_chem_comp.type
_chem_comp.name
_chem_comp.formula
DA DNA linking 2'-DEOXYADENOSINE-5'-MONOPHOSPHATE 'C10 H14 N5 O6 P'
DC DNA linking 2'-DEOXYCYTIDINE-5'-MONOPHOSPHATE 'C9 H14 N3 O7 P'
DG DNA linking 2'-DEOXYGUANOSINE-5'-MONOPHOSPHATE 'C10 H14 N5 O7 P'
DT DNA linking THYMIDINE-5'-MONOPHOSPHATE 'C10 H15 N2 O8 P'
NA non-polymer 'SODIUM ION' 'Na 1'
SF4 non-polymer 'IRON/SULFUR CLUSTER' 'Fe4 S4'
#
# COMPACT_ATOMS: atom_id res chain seq x y z
N GLN A 2 -24.63 1.53 -16.69
CA GLN A 2 -25.97 2.11 -17.00
C GLN A 2 -26.67 2.66 -15.76
N LYS A 3 -26.61 1.93 -14.65
CA LYS A 3 -27.22 2.37 -13.40
C LYS A 3 -26.41 3.50 -12.79
N SER A 4 -25.13 3.22 -12.53
CA SER A 4 -24.22 4.16 -11.88
C SER A 4 -22.86 4.12 -12.58
N TYR A 5 -21.88 4.79 -11.98
CA TYR A 5 -20.48 4.76 -12.44
C TYR A 5 -19.65 3.64 -11.81
N GLY A 6 -20.25 2.83 -10.94
CA GLY A 6 -19.61 1.63 -10.45
C GLY A 6 -20.49 0.79 -9.54
N VAL A 7 -19.90 -0.27 -9.00
CA VAL A 7 -20.57 -1.18 -8.09
C VAL A 7 -19.55 -1.79 -7.09
N ALA A 8 -19.98 -1.92 -5.84
CA ALA A 8 -19.15 -2.46 -4.77
C ALA A 8 -19.63 -3.87 -4.45
N LEU A 9 -18.72 -4.84 -4.51
CA LEU A 9 -19.06 -6.25 -4.29
C LEU A 9 -18.22 -6.83 -3.15
N GLU A 10 -18.91 -7.27 -2.09
CA GLU A 10 -18.24 -7.97 -1.00
C GLU A 10 -18.41 -9.47 -1.13
N SER A 11 -17.27 -10.15 -1.14
CA SER A 11 -17.18 -11.61 -1.12
C SER A 11 -15.68 -11.94 -0.99
N PRO A 12 -15.35 -13.07 -0.32
CA PRO A 12 -13.94 -13.51 -0.24
C PRO A 12 -13.14 -13.51 -1.57
N THR A 13 -11.84 -13.25 -1.50
CA THR A 13 -10.95 -13.34 -2.67
C THR A 13 -10.82 -14.80 -3.14
N GLY A 14 -10.42 -14.98 -4.40
CA GLY A 14 -10.20 -16.30 -5.01
C GLY A 14 -11.39 -17.24 -4.99
N SER A 15 -12.59 -16.67 -4.93
CA SER A 15 -13.83 -17.39 -4.62
C SER A 15 -14.70 -17.61 -5.85
N GLY A 16 -15.71 -18.46 -5.69
CA GLY A 16 -16.63 -18.81 -6.78
C GLY A 16 -17.45 -17.63 -7.27
N LYS A 17 -18.09 -16.93 -6.33
CA LYS A 17 -18.87 -15.74 -6.64
C LYS A 17 -18.01 -14.52 -7.05
N THR A 18 -16.75 -14.48 -6.63
CA THR A 18 -15.82 -13.44 -7.08
C THR A 18 -15.43 -13.67 -8.55
N ILE A 19 -15.09 -14.91 -8.89
CA ILE A 19 -14.78 -15.29 -10.27
C ILE A 19 -15.96 -14.99 -11.19
N MET A 20 -17.17 -15.30 -10.73
CA MET A 20 -18.42 -14.96 -11.42
C MET A 20 -18.58 -13.48 -11.74
N ALA A 21 -18.38 -12.64 -10.73
CA ALA A 21 -18.49 -11.18 -10.87
C ALA A 21 -17.52 -10.67 -11.92
N LEU A 22 -16.28 -11.11 -11.79
CA LEU A 22 -15.25 -10.95 -12.81
C LEU A 22 -15.68 -11.44 -14.21
N LYS A 23 -16.15 -12.69 -14.30
CA LYS A 23 -16.70 -13.22 -15.57
C LYS A 23 -17.82 -12.33 -16.14
N SER A 24 -18.66 -11.80 -15.25
CA SER A 24 -19.72 -10.87 -15.63
C SER A 24 -19.16 -9.53 -16.12
N ALA A 25 -18.11 -9.04 -15.46
CA ALA A 25 -17.44 -7.81 -15.87
C ALA A 25 -16.73 -7.91 -17.23
N LEU A 26 -16.10 -9.05 -17.50
CA LEU A 26 -15.39 -9.27 -18.78
C LEU A 26 -16.35 -9.41 -19.98
N GLN A 27 -17.52 -10.03 -19.76
CA GLN A 27 -18.59 -10.07 -20.78
C GLN A 27 -19.19 -8.68 -21.02
N TYR A 28 -19.57 -8.00 -19.93
CA TYR A 28 -20.08 -6.62 -20.02
C TYR A 28 -19.09 -5.70 -20.76
N SER A 29 -17.79 -5.84 -20.46
CA SER A 29 -16.74 -5.06 -21.11
C SER A 29 -16.60 -5.33 -22.62
N SER A 30 -16.41 -6.60 -22.95
CA SER A 30 -16.34 -7.08 -24.35
C SER A 30 -17.56 -6.67 -25.19
N GLU A 31 -18.77 -6.75 -24.62
CA GLU A 31 -20.02 -6.37 -25.33
C GLU A 31 -20.08 -4.90 -25.76
N ARG A 32 -19.50 -4.02 -24.94
CA ARG A 32 -19.44 -2.58 -25.24
C ARG A 32 -18.05 -2.10 -25.69
N LYS A 33 -17.22 -3.02 -26.21
CA LYS A 33 -15.89 -2.70 -26.75
C LYS A 33 -15.02 -1.93 -25.76
N LEU A 34 -15.11 -2.32 -24.48
CA LEU A 34 -14.36 -1.70 -23.41
C LEU A 34 -13.24 -2.65 -23.02
N LYS A 35 -12.08 -2.08 -22.71
CA LYS A 35 -10.97 -2.86 -22.21
C LYS A 35 -11.09 -2.91 -20.68
N VAL A 36 -10.34 -3.83 -20.07
CA VAL A 36 -10.41 -4.05 -18.62
C VAL A 36 -9.06 -3.73 -17.95
N LEU A 37 -9.11 -2.92 -16.88
CA LEU A 37 -7.94 -2.57 -16.08
C LEU A 37 -8.12 -3.10 -14.67
N TYR A 38 -7.19 -3.94 -14.24
CA TYR A 38 -7.23 -4.56 -12.92
C TYR A 38 -6.14 -3.90 -12.07
N LEU A 39 -6.51 -3.16 -11.01
CA LEU A 39 -5.53 -2.51 -10.15
C LEU A 39 -5.28 -3.29 -8.88
N VAL A 40 -3.98 -3.47 -8.56
CA VAL A 40 -3.53 -4.23 -7.38
C VAL A 40 -2.41 -3.48 -6.62
N ARG A 41 -2.33 -3.74 -5.33
CA ARG A 41 -1.44 -2.98 -4.46
C ARG A 41 -0.14 -3.70 -4.10
N THR A 42 -0.11 -5.02 -4.18
CA THR A 42 1.10 -5.81 -3.83
C THR A 42 1.36 -6.92 -4.82
N ASN A 43 2.63 -7.33 -4.90
CA ASN A 43 3.04 -8.50 -5.70
C ASN A 43 2.19 -9.72 -5.37
N SER A 44 1.94 -9.92 -4.07
CA SER A 44 1.14 -11.00 -3.54
C SER A 44 -0.27 -11.02 -4.15
N GLN A 45 -0.91 -9.86 -4.16
CA GLN A 45 -2.24 -9.74 -4.74
C GLN A 45 -2.24 -9.74 -6.27
N GLU A 46 -1.18 -9.22 -6.88
CA GLU A 46 -1.00 -9.36 -8.32
C GLU A 46 -0.99 -10.85 -8.72
N GLU A 47 -0.26 -11.67 -7.96
CA GLU A 47 -0.14 -13.09 -8.30
C GLU A 47 -1.50 -13.82 -8.18
N GLN A 48 -2.23 -13.57 -7.10
CA GLN A 48 -3.59 -14.11 -6.93
C GLN A 48 -4.51 -13.75 -8.09
N VAL A 49 -4.55 -12.46 -8.44
CA VAL A 49 -5.35 -11.99 -9.57
C VAL A 49 -4.92 -12.64 -10.90
N ILE A 50 -3.62 -12.75 -11.12
CA ILE A 50 -3.11 -13.37 -12.35
C ILE A 50 -3.41 -14.87 -12.43
N LYS A 51 -3.25 -15.59 -11.32
CA LYS A 51 -3.65 -17.01 -11.22
C LYS A 51 -5.11 -17.20 -11.62
N GLU A 52 -6.01 -16.37 -11.06
CA GLU A 52 -7.42 -16.39 -11.40
C GLU A 52 -7.61 -16.27 -12.91
N LEU A 53 -6.92 -15.30 -13.54
CA LEU A 53 -7.05 -15.07 -15.00
C LEU A 53 -6.52 -16.23 -15.87
N ARG A 54 -5.47 -16.91 -15.40
CA ARG A 54 -4.96 -18.11 -16.06
C ARG A 54 -5.97 -19.26 -16.10
N SER A 55 -6.67 -19.51 -14.99
CA SER A 55 -7.74 -20.52 -14.94
C SER A 55 -8.80 -20.21 -15.99
N LEU A 56 -9.27 -18.96 -16.00
CA LEU A 56 -10.25 -18.49 -16.97
C LEU A 56 -9.83 -18.57 -18.45
N SER A 57 -8.53 -18.45 -18.74
CA SER A 57 -8.04 -18.56 -20.14
C SER A 57 -8.39 -19.88 -20.84
N SER A 58 -8.55 -20.95 -20.08
CA SER A 58 -9.00 -22.25 -20.63
C SER A 58 -10.48 -22.26 -21.04
N THR A 59 -11.33 -21.52 -20.32
CA THR A 59 -12.76 -21.37 -20.66
C THR A 59 -13.02 -20.31 -21.75
N MET A 60 -12.35 -19.17 -21.64
CA MET A 60 -12.66 -17.98 -22.46
C MET A 60 -11.43 -17.26 -23.01
N LYS A 61 -11.70 -16.25 -23.85
CA LYS A 61 -10.70 -15.40 -24.46
C LYS A 61 -10.09 -14.48 -23.40
N ILE A 62 -8.82 -14.72 -23.08
CA ILE A 62 -8.06 -13.87 -22.15
C ILE A 62 -6.84 -13.34 -22.89
N ARG A 63 -6.94 -12.09 -23.32
CA ARG A 63 -5.85 -11.33 -23.93
C ARG A 63 -5.35 -10.29 -22.92
N ALA A 64 -4.51 -10.76 -21.99
CA ALA A 64 -4.08 -10.01 -20.80
C ALA A 64 -2.56 -9.86 -20.70
N ILE A 65 -2.10 -8.73 -20.16
CA ILE A 65 -0.70 -8.57 -19.73
C ILE A 65 -0.59 -7.85 -18.38
N PRO A 66 0.55 -8.06 -17.66
CA PRO A 66 0.96 -7.13 -16.61
C PRO A 66 1.47 -5.83 -17.23
N MET A 67 1.32 -4.73 -16.49
CA MET A 67 1.92 -3.45 -16.87
C MET A 67 2.42 -2.76 -15.62
N GLN A 68 3.71 -2.44 -15.60
CA GLN A 68 4.30 -1.58 -14.59
C GLN A 68 5.22 -0.58 -15.28
N GLY A 69 5.57 0.47 -14.53
CA GLY A 69 6.38 1.56 -15.04
C GLY A 69 7.85 1.25 -15.09
N ARG A 70 8.60 2.13 -15.75
CA ARG A 70 10.06 1.99 -15.82
C ARG A 70 10.75 1.92 -14.46
N VAL A 71 10.16 2.54 -13.43
CA VAL A 71 10.71 2.46 -12.07
C VAL A 71 10.97 1.00 -11.65
N ASN A 72 10.05 0.11 -11.99
CA ASN A 72 10.19 -1.32 -11.71
C ASN A 72 10.64 -2.14 -12.90
N MET A 73 10.34 -1.68 -14.12
CA MET A 73 10.54 -2.51 -15.32
C MET A 73 11.76 -2.15 -16.21
N CYS A 74 12.45 -1.05 -15.91
CA CYS A 74 13.69 -0.72 -16.65
C CYS A 74 14.83 -1.50 -15.99
N ILE A 75 15.44 -2.43 -16.72
CA ILE A 75 16.58 -3.19 -16.17
C ILE A 75 17.85 -2.32 -16.09
N LEU A 76 17.98 -1.36 -17.00
CA LEU A 76 19.24 -0.67 -17.16
C LEU A 76 19.57 0.32 -16.04
N TYR A 77 18.60 1.10 -15.59
CA TYR A 77 18.95 2.27 -14.76
C TYR A 77 19.57 1.95 -13.39
N ARG A 78 19.20 0.82 -12.78
CA ARG A 78 19.84 0.35 -11.54
C ARG A 78 21.24 -0.25 -11.73
N MET A 79 21.55 -0.68 -12.95
CA MET A 79 22.89 -1.08 -13.34
C MET A 79 23.80 0.12 -13.61
N VAL A 80 23.23 1.25 -14.01
CA VAL A 80 23.98 2.46 -14.44
C VAL A 80 24.03 3.56 -13.38
N ASP A 81 22.98 3.66 -12.55
CA ASP A 81 22.93 4.61 -11.43
C ASP A 81 22.58 3.90 -10.13
N ASP A 82 22.86 4.57 -9.01
CA ASP A 82 22.61 4.05 -7.65
C ASP A 82 21.67 4.98 -6.85
N LEU A 83 20.74 5.63 -7.55
CA LEU A 83 19.89 6.68 -6.99
C LEU A 83 18.94 6.15 -5.93
N HIS A 84 18.70 6.96 -4.89
CA HIS A 84 17.78 6.64 -3.79
C HIS A 84 16.38 7.23 -3.97
N GLU A 85 16.23 8.25 -4.83
CA GLU A 85 14.93 8.74 -5.28
C GLU A 85 14.91 8.71 -6.80
N ILE A 86 13.71 8.50 -7.36
CA ILE A 86 13.52 8.29 -8.80
C ILE A 86 12.09 8.64 -9.22
N ASN A 87 11.88 8.97 -10.50
CA ASN A 87 10.53 9.12 -11.03
C ASN A 87 10.38 8.70 -12.48
N ALA A 88 9.13 8.57 -12.91
CA ALA A 88 8.81 8.16 -14.28
C ALA A 88 9.42 9.11 -15.32
N GLU A 89 9.34 10.40 -15.05
CA GLU A 89 9.83 11.44 -15.94
C GLU A 89 11.32 11.35 -16.24
N SER A 90 12.11 11.28 -15.18
CA SER A 90 13.57 11.18 -15.35
C SER A 90 13.94 9.90 -16.15
N LEU A 91 13.22 8.80 -15.93
CA LEU A 91 13.50 7.54 -16.63
C LEU A 91 13.08 7.54 -18.08
N ALA A 92 11.97 8.22 -18.40
CA ALA A 92 11.60 8.47 -19.79
C ALA A 92 12.71 9.19 -20.55
N LYS A 93 13.27 10.25 -19.97
CA LYS A 93 14.39 10.99 -20.61
C LYS A 93 15.64 10.12 -20.75
N PHE A 94 15.94 9.34 -19.71
CA PHE A 94 17.03 8.35 -19.69
C PHE A 94 16.89 7.34 -20.83
N CYS A 95 15.73 6.68 -20.87
CA CYS A 95 15.45 5.61 -21.83
C CYS A 95 15.42 6.10 -23.26
N ASN A 96 14.71 7.21 -23.51
CA ASN A 96 14.69 7.80 -24.85
C ASN A 96 16.09 8.08 -25.42
N MET A 97 16.98 8.58 -24.57
CA MET A 97 18.38 8.80 -24.92
C MET A 97 19.08 7.48 -25.28
N LYS A 98 18.86 6.45 -24.47
CA LYS A 98 19.41 5.13 -24.76
C LYS A 98 18.88 4.55 -26.06
N LYS A 99 17.57 4.70 -26.30
CA LYS A 99 16.97 4.17 -27.51
C LYS A 99 17.49 4.91 -28.76
N ARG A 100 17.66 6.23 -28.68
CA ARG A 100 18.34 6.99 -29.75
C ARG A 100 19.68 6.37 -30.09
N GLU A 101 20.53 6.20 -29.08
CA GLU A 101 21.86 5.65 -29.24
C GLU A 101 21.89 4.26 -29.87
N VAL A 102 20.88 3.45 -29.59
CA VAL A 102 20.77 2.11 -30.18
C VAL A 102 20.33 2.21 -31.64
N MET A 103 19.39 3.10 -31.95
CA MET A 103 19.01 3.37 -33.35
C MET A 103 20.14 3.97 -34.18
N ALA A 104 21.06 4.71 -33.55
CA ALA A 104 22.27 5.25 -34.20
C ALA A 104 23.48 4.30 -34.25
N GLY A 105 23.31 3.04 -33.81
CA GLY A 105 24.32 2.00 -34.00
C GLY A 105 25.09 1.53 -32.77
N ASN A 106 24.86 2.12 -31.60
CA ASN A 106 25.53 1.71 -30.35
C ASN A 106 24.64 0.75 -29.54
N GLU A 107 24.63 -0.52 -29.96
CA GLU A 107 23.74 -1.53 -29.35
C GLU A 107 24.02 -1.82 -27.87
N ALA A 108 25.25 -1.57 -27.41
CA ALA A 108 25.60 -1.73 -26.00
C ALA A 108 25.01 -0.64 -25.07
N ALA A 109 24.55 0.49 -25.62
CA ALA A 109 23.98 1.59 -24.79
C ALA A 109 22.83 1.11 -23.90
N CYS A 110 21.89 0.38 -24.51
CA CYS A 110 21.02 -0.51 -23.76
C CYS A 110 20.96 -1.84 -24.51
N PRO A 111 21.58 -2.91 -23.97
CA PRO A 111 21.54 -4.22 -24.61
C PRO A 111 20.19 -4.97 -24.50
N TYR A 112 19.28 -4.43 -23.68
CA TYR A 112 17.89 -4.87 -23.57
C TYR A 112 16.96 -4.28 -24.65
N PHE A 113 17.40 -3.23 -25.36
CA PHE A 113 16.60 -2.62 -26.42
C PHE A 113 16.99 -3.20 -27.77
N ASN A 114 16.18 -4.15 -28.23
CA ASN A 114 16.44 -4.91 -29.44
C ASN A 114 15.14 -5.48 -30.00
N PHE A 115 15.24 -6.18 -31.12
CA PHE A 115 14.11 -6.80 -31.84
C PHE A 115 13.20 -7.71 -31.00
N LYS A 116 13.74 -8.31 -29.93
CA LYS A 116 12.97 -9.23 -29.09
C LYS A 116 11.82 -8.56 -28.36
N ILE A 117 11.92 -7.24 -28.18
CA ILE A 117 10.79 -6.42 -27.71
C ILE A 117 9.46 -6.71 -28.43
N ARG A 118 9.55 -7.03 -29.74
CA ARG A 118 8.38 -7.25 -30.61
C ARG A 118 8.30 -8.64 -31.21
N SER A 119 9.15 -9.57 -30.78
CA SER A 119 9.18 -10.92 -31.38
C SER A 119 7.95 -11.72 -31.00
N ASP A 120 7.62 -12.70 -31.85
CA ASP A 120 6.52 -13.65 -31.60
C ASP A 120 6.69 -14.35 -30.27
N GLU A 121 7.95 -14.68 -29.93
CA GLU A 121 8.29 -15.45 -28.73
C GLU A 121 7.99 -14.65 -27.45
N THR A 122 8.43 -13.40 -27.41
CA THR A 122 8.11 -12.45 -26.33
C THR A 122 6.60 -12.19 -26.21
N LYS A 123 5.94 -11.93 -27.34
CA LYS A 123 4.49 -11.72 -27.36
C LYS A 123 3.76 -12.97 -26.87
N ARG A 124 4.27 -14.16 -27.24
CA ARG A 124 3.69 -15.43 -26.81
C ARG A 124 3.82 -15.69 -25.30
N PHE A 125 4.99 -15.42 -24.72
CA PHE A 125 5.15 -15.54 -23.28
C PHE A 125 4.16 -14.63 -22.57
N LEU A 126 4.07 -13.37 -22.98
CA LEU A 126 3.14 -12.44 -22.34
C LEU A 126 1.70 -12.94 -22.44
N PHE A 127 1.23 -13.20 -23.64
CA PHE A 127 -0.20 -13.49 -23.84
C PHE A 127 -0.62 -14.93 -23.50
N ASP A 128 0.16 -15.93 -23.92
CA ASP A 128 -0.16 -17.34 -23.63
C ASP A 128 0.17 -17.72 -22.17
N GLU A 129 1.25 -17.17 -21.61
CA GLU A 129 1.70 -17.55 -20.27
C GLU A 129 1.15 -16.66 -19.15
N LEU A 130 0.86 -15.40 -19.48
CA LEU A 130 0.41 -14.39 -18.51
C LEU A 130 1.24 -14.35 -17.23
N PRO A 131 2.50 -13.88 -17.34
CA PRO A 131 3.36 -13.75 -16.17
C PRO A 131 2.96 -12.58 -15.27
N THR A 132 3.33 -12.64 -14.00
CA THR A 132 3.36 -11.45 -13.15
C THR A 132 4.45 -10.52 -13.70
N ALA A 133 4.36 -9.24 -13.35
CA ALA A 133 5.37 -8.26 -13.66
C ALA A 133 6.79 -8.73 -13.28
N GLU A 134 6.92 -9.25 -12.06
CA GLU A 134 8.18 -9.77 -11.51
C GLU A 134 8.73 -10.97 -12.30
N GLU A 135 7.85 -11.91 -12.62
CA GLU A 135 8.23 -13.04 -13.49
C GLU A 135 8.64 -12.55 -14.87
N PHE A 136 7.94 -11.55 -15.41
CA PHE A 136 8.28 -11.01 -16.73
C PHE A 136 9.61 -10.22 -16.70
N TYR A 137 9.85 -9.49 -15.60
CA TYR A 137 11.13 -8.85 -15.34
C TYR A 137 12.27 -9.87 -15.45
N ASP A 138 12.11 -10.99 -14.73
CA ASP A 138 13.08 -12.08 -14.71
C ASP A 138 13.28 -12.72 -16.10
N TYR A 139 12.18 -12.94 -16.82
CA TYR A 139 12.19 -13.44 -18.20
C TYR A 139 12.96 -12.50 -19.11
N GLY A 140 12.78 -11.20 -18.89
CA GLY A 140 13.52 -10.16 -19.59
C GLY A 140 15.02 -10.23 -19.36
N GLU A 141 15.43 -10.33 -18.10
CA GLU A 141 16.85 -10.51 -17.76
C GLU A 141 17.41 -11.75 -18.41
N ARG A 142 16.71 -12.86 -18.20
CA ARG A 142 17.06 -14.15 -18.78
C ARG A 142 17.31 -14.05 -20.30
N ASN A 143 16.43 -13.37 -21.02
CA ASN A 143 16.51 -13.29 -22.49
C ASN A 143 17.12 -11.99 -23.06
N ASN A 144 17.72 -11.16 -22.21
CA ASN A 144 18.32 -9.89 -22.64
C ASN A 144 17.30 -9.04 -23.43
N VAL A 145 16.13 -8.85 -22.86
CA VAL A 145 15.09 -8.06 -23.49
C VAL A 145 14.37 -7.21 -22.45
N CYS A 146 14.16 -5.94 -22.79
CA CYS A 146 13.51 -4.99 -21.90
C CYS A 146 12.09 -5.43 -21.54
N PRO A 147 11.79 -5.62 -20.24
CA PRO A 147 10.41 -5.87 -19.85
C PRO A 147 9.49 -4.69 -20.13
N TYR A 148 9.87 -3.49 -19.72
CA TYR A 148 9.03 -2.30 -19.97
C TYR A 148 8.62 -2.12 -21.45
N GLU A 149 9.58 -2.04 -22.36
CA GLU A 149 9.28 -1.82 -23.78
C GLU A 149 8.49 -2.98 -24.40
N SER A 150 8.72 -4.19 -23.89
CA SER A 150 7.98 -5.38 -24.31
C SER A 150 6.51 -5.32 -23.89
N MET A 151 6.26 -4.87 -22.65
CA MET A 151 4.87 -4.63 -22.20
C MET A 151 4.22 -3.55 -23.07
N LYS A 152 4.92 -2.43 -23.23
CA LYS A 152 4.48 -1.30 -24.06
C LYS A 152 4.11 -1.70 -25.49
N ALA A 153 4.92 -2.55 -26.11
CA ALA A 153 4.66 -3.04 -27.48
C ALA A 153 3.45 -3.97 -27.55
N ALA A 154 3.25 -4.78 -26.49
CA ALA A 154 2.09 -5.69 -26.43
C ALA A 154 0.76 -4.98 -26.08
N LEU A 155 0.86 -3.79 -25.48
CA LEU A 155 -0.30 -3.10 -24.88
C LEU A 155 -1.50 -2.89 -25.83
N PRO A 156 -1.29 -2.32 -27.04
CA PRO A 156 -2.40 -2.14 -28.00
C PRO A 156 -3.23 -3.38 -28.32
N ASP A 157 -2.64 -4.58 -28.24
CA ASP A 157 -3.34 -5.84 -28.55
C ASP A 157 -3.91 -6.54 -27.31
N ALA A 158 -3.75 -5.93 -26.14
CA ALA A 158 -4.26 -6.48 -24.87
C ALA A 158 -5.64 -5.90 -24.55
N ASP A 159 -6.60 -6.77 -24.26
CA ASP A 159 -7.94 -6.35 -23.82
C ASP A 159 -7.96 -6.10 -22.32
N ILE A 160 -7.00 -6.70 -21.62
CA ILE A 160 -6.95 -6.73 -20.15
C ILE A 160 -5.52 -6.38 -19.70
N VAL A 161 -5.42 -5.49 -18.71
CA VAL A 161 -4.13 -5.09 -18.14
C VAL A 161 -4.22 -5.21 -16.62
N ILE A 162 -3.16 -5.75 -16.00
CA ILE A 162 -3.02 -5.78 -14.55
C ILE A 162 -1.87 -4.86 -14.18
N ALA A 163 -2.16 -3.83 -13.38
CA ALA A 163 -1.18 -2.78 -13.07
C ALA A 163 -1.33 -2.31 -11.63
N PRO A 164 -0.27 -1.70 -11.07
CA PRO A 164 -0.39 -1.16 -9.73
C PRO A 164 -1.21 0.11 -9.63
N TYR A 165 -1.90 0.29 -8.51
CA TYR A 165 -2.58 1.54 -8.19
C TYR A 165 -1.66 2.77 -8.37
N ALA A 166 -0.45 2.69 -7.83
CA ALA A 166 0.57 3.75 -7.94
C ALA A 166 0.92 4.09 -9.39
N TYR A 167 0.87 3.10 -10.28
CA TYR A 167 1.05 3.35 -11.72
C TYR A 167 -0.15 4.13 -12.31
N PHE A 168 -1.37 3.60 -12.17
CA PHE A 168 -2.53 4.26 -12.80
C PHE A 168 -2.93 5.59 -12.18
N LEU A 169 -2.69 5.76 -10.88
CA LEU A 169 -3.10 7.00 -10.19
C LEU A 169 -2.08 8.13 -10.34
N ASN A 170 -0.94 7.84 -10.97
CA ASN A 170 -0.02 8.85 -11.46
C ASN A 170 -0.55 9.36 -12.79
N ARG A 171 -1.11 10.58 -12.74
CA ARG A 171 -1.87 11.15 -13.86
C ARG A 171 -1.11 11.19 -15.17
N SER A 172 0.06 11.82 -15.17
CA SER A 172 0.86 11.97 -16.39
C SER A 172 1.27 10.63 -16.96
N VAL A 173 1.61 9.67 -16.10
CA VAL A 173 1.87 8.30 -16.55
C VAL A 173 0.59 7.66 -17.10
N ALA A 174 -0.52 7.84 -16.39
CA ALA A 174 -1.81 7.28 -16.84
C ALA A 174 -2.25 7.80 -18.22
N GLU A 175 -2.05 9.09 -18.48
CA GLU A 175 -2.42 9.70 -19.77
C GLU A 175 -1.66 9.05 -20.93
N LYS A 176 -0.34 8.94 -20.78
CA LYS A 176 0.53 8.26 -21.77
C LYS A 176 0.16 6.78 -21.99
N PHE A 177 -0.17 6.10 -20.90
CA PHE A 177 -0.60 4.69 -20.91
C PHE A 177 -1.90 4.53 -21.67
N LEU A 178 -2.90 5.30 -21.28
CA LEU A 178 -4.19 5.29 -22.00
C LEU A 178 -3.99 5.62 -23.46
N SER A 179 -3.27 6.71 -23.72
CA SER A 179 -2.93 7.15 -25.10
C SER A 179 -2.24 6.06 -25.94
N HIS A 180 -1.27 5.35 -25.38
CA HIS A 180 -0.63 4.24 -26.11
C HIS A 180 -1.50 2.98 -26.19
N TRP A 181 -2.33 2.75 -25.18
CA TRP A 181 -3.34 1.68 -25.20
C TRP A 181 -4.45 1.96 -26.27
N GLY A 182 -4.58 3.22 -26.68
CA GLY A 182 -5.49 3.64 -27.75
C GLY A 182 -6.91 3.90 -27.28
N VAL A 183 -7.07 4.29 -26.02
CA VAL A 183 -8.37 4.25 -25.34
C VAL A 183 -8.57 5.45 -24.39
N SER A 184 -9.82 5.91 -24.27
CA SER A 184 -10.25 6.94 -23.30
C SER A 184 -10.70 6.29 -21.98
N ARG A 185 -10.80 7.10 -20.92
CA ARG A 185 -11.20 6.58 -19.59
C ARG A 185 -12.59 5.96 -19.56
N ASN A 186 -13.56 6.55 -20.29
CA ASN A 186 -14.91 5.97 -20.40
C ASN A 186 -14.99 4.70 -21.25
N GLN A 187 -13.89 4.33 -21.91
CA GLN A 187 -13.81 3.10 -22.68
C GLN A 187 -13.23 1.92 -21.87
N ILE A 188 -13.12 2.05 -20.55
CA ILE A 188 -12.62 0.95 -19.72
C ILE A 188 -13.37 0.72 -18.42
N VAL A 189 -13.28 -0.52 -17.96
CA VAL A 189 -13.81 -0.96 -16.69
C VAL A 189 -12.59 -1.22 -15.81
N ILE A 190 -12.55 -0.57 -14.65
CA ILE A 190 -11.45 -0.75 -13.70
C ILE A 190 -11.91 -1.61 -12.51
N ILE A 191 -11.25 -2.76 -12.33
CA ILE A 191 -11.47 -3.63 -11.18
C ILE A 191 -10.46 -3.24 -10.09
N LEU A 192 -10.98 -2.93 -8.91
CA LEU A 192 -10.20 -2.46 -7.78
C LEU A 192 -10.08 -3.62 -6.79
N ASP A 193 -9.00 -4.38 -6.93
CA ASP A 193 -8.68 -5.50 -6.05
C ASP A 193 -8.42 -5.01 -4.64
N GLU A 194 -8.91 -5.75 -3.64
CA GLU A 194 -8.72 -5.40 -2.22
C GLU A 194 -9.03 -3.92 -1.96
N ALA A 195 -10.22 -3.51 -2.41
CA ALA A 195 -10.60 -2.11 -2.47
C ALA A 195 -10.74 -1.43 -1.13
N HIS A 196 -10.91 -2.20 -0.04
CA HIS A 196 -10.83 -1.66 1.32
C HIS A 196 -9.53 -0.88 1.60
N ASN A 197 -8.49 -1.10 0.80
CA ASN A 197 -7.25 -0.30 0.89
C ASN A 197 -7.33 1.07 0.22
N LEU A 198 -8.38 1.33 -0.54
CA LEU A 198 -8.46 2.52 -1.40
C LEU A 198 -8.29 3.87 -0.66
N PRO A 199 -8.92 4.04 0.53
CA PRO A 199 -8.68 5.27 1.27
C PRO A 199 -7.18 5.48 1.57
N ASP A 200 -6.51 4.44 2.08
CA ASP A 200 -5.07 4.50 2.41
C ASP A 200 -4.23 4.69 1.16
N ILE A 201 -4.60 4.01 0.09
CA ILE A 201 -4.00 4.20 -1.22
C ILE A 201 -4.06 5.67 -1.64
N GLY A 202 -5.26 6.27 -1.59
CA GLY A 202 -5.45 7.67 -1.96
C GLY A 202 -4.62 8.64 -1.11
N ARG A 203 -4.70 8.47 0.20
CA ARG A 203 -3.96 9.33 1.14
C ARG A 203 -2.46 9.22 0.93
N SER A 204 -2.01 8.00 0.69
CA SER A 204 -0.60 7.71 0.51
C SER A 204 -0.06 8.38 -0.74
N ILE A 205 -0.72 8.16 -1.88
CA ILE A 205 -0.35 8.81 -3.15
C ILE A 205 -0.45 10.34 -3.05
N GLY A 206 -1.47 10.83 -2.33
CA GLY A 206 -1.66 12.28 -2.16
C GLY A 206 -0.68 12.97 -1.23
N SER A 207 0.01 12.22 -0.38
CA SER A 207 0.91 12.82 0.58
C SER A 207 2.34 12.91 0.02
N PHE A 208 3.10 13.86 0.54
CA PHE A 208 4.53 14.00 0.24
C PHE A 208 5.22 14.67 1.42
N ARG A 209 6.54 14.55 1.44
CA ARG A 209 7.37 15.08 2.54
C ARG A 209 8.74 15.54 2.06
N ILE A 210 9.40 16.30 2.92
CA ILE A 210 10.79 16.71 2.71
C ILE A 210 11.57 16.32 3.95
N SER A 211 12.55 15.43 3.77
CA SER A 211 13.40 14.93 4.86
C SER A 211 14.76 15.61 4.89
N VAL A 212 15.39 15.54 6.04
CA VAL A 212 16.76 16.02 6.23
C VAL A 212 17.70 15.23 5.29
N GLU A 213 17.53 13.91 5.22
CA GLU A 213 18.40 13.08 4.35
C GLU A 213 18.26 13.46 2.89
N SER A 214 17.07 13.88 2.49
CA SER A 214 16.83 14.35 1.14
C SER A 214 17.57 15.67 0.89
N LEU A 215 17.58 16.55 1.90
CA LEU A 215 18.35 17.78 1.84
C LEU A 215 19.87 17.50 1.78
N ASN A 216 20.32 16.56 2.62
CA ASN A 216 21.72 16.09 2.58
C ASN A 216 22.13 15.60 1.21
N ARG A 217 21.25 14.82 0.57
CA ARG A 217 21.48 14.36 -0.81
C ARG A 217 21.56 15.51 -1.82
N ALA A 218 20.77 16.55 -1.61
CA ALA A 218 20.83 17.77 -2.42
C ALA A 218 22.11 18.55 -2.16
N ASP A 219 22.56 18.53 -0.91
CA ASP A 219 23.81 19.19 -0.53
C ASP A 219 25.01 18.59 -1.27
N ARG A 220 25.06 17.26 -1.35
CA ARG A 220 26.13 16.57 -2.10
C ARG A 220 26.03 16.81 -3.59
N GLU A 221 24.81 16.82 -4.11
CA GLU A 221 24.61 17.16 -5.52
C GLU A 221 25.12 18.58 -5.82
N ALA A 222 24.86 19.52 -4.93
CA ALA A 222 25.37 20.88 -5.10
C ALA A 222 26.90 20.91 -5.24
N GLN A 223 27.60 20.18 -4.38
CA GLN A 223 29.09 20.09 -4.44
C GLN A 223 29.56 19.58 -5.80
N ALA A 224 28.90 18.52 -6.26
CA ALA A 224 29.32 17.79 -7.45
C ALA A 224 29.13 18.57 -8.78
N TYR A 225 28.16 19.49 -8.81
CA TYR A 225 27.84 20.26 -10.03
C TYR A 225 28.17 21.77 -9.88
N GLY A 226 29.29 22.08 -9.23
CA GLY A 226 29.84 23.44 -9.21
C GLY A 226 29.41 24.36 -8.08
N ASP A 227 28.38 23.99 -7.31
CA ASP A 227 27.82 24.81 -6.19
C ASP A 227 27.78 26.33 -6.50
N PRO A 228 27.08 26.71 -7.58
CA PRO A 228 27.12 28.10 -8.05
C PRO A 228 26.39 29.08 -7.13
N GLU A 229 26.69 30.36 -7.33
CA GLU A 229 25.96 31.47 -6.71
C GLU A 229 24.48 31.42 -7.17
N LEU A 230 23.54 31.49 -6.24
CA LEU A 230 22.09 31.63 -6.56
C LEU A 230 21.66 33.07 -6.55
N SER A 231 22.19 33.81 -5.59
CA SER A 231 22.07 35.25 -5.54
C SER A 231 23.30 35.75 -4.80
N GLN A 232 23.46 37.06 -4.83
CA GLN A 232 24.45 37.80 -4.04
C GLN A 232 24.93 37.05 -2.78
N LYS A 233 26.06 36.33 -2.91
CA LYS A 233 26.72 35.63 -1.78
C LYS A 233 26.03 34.36 -1.23
N ILE A 234 24.92 33.94 -1.84
CA ILE A 234 24.21 32.72 -1.42
C ILE A 234 24.37 31.66 -2.51
N HIS A 235 25.22 30.66 -2.25
CA HIS A 235 25.37 29.54 -3.16
C HIS A 235 24.29 28.50 -2.88
N VAL A 236 24.18 27.51 -3.76
CA VAL A 236 23.18 26.46 -3.60
C VAL A 236 23.29 25.78 -2.22
N SER A 237 24.52 25.46 -1.79
CA SER A 237 24.75 24.84 -0.47
C SER A 237 24.31 25.74 0.69
N ASP A 238 24.54 27.04 0.56
CA ASP A 238 24.07 27.99 1.57
C ASP A 238 22.54 27.94 1.72
N LEU A 239 21.81 27.85 0.61
CA LEU A 239 20.34 27.75 0.69
C LEU A 239 19.88 26.42 1.31
N ILE A 240 20.54 25.34 0.94
CA ILE A 240 20.23 24.03 1.50
C ILE A 240 20.42 24.03 3.02
N GLU A 241 21.47 24.70 3.50
CA GLU A 241 21.71 24.88 4.93
C GLU A 241 20.59 25.68 5.61
N MET A 242 20.11 26.74 4.95
CA MET A 242 18.97 27.53 5.45
C MET A 242 17.74 26.63 5.58
N ILE A 243 17.50 25.78 4.58
CA ILE A 243 16.31 24.93 4.56
C ILE A 243 16.46 23.83 5.59
N ARG A 244 17.60 23.13 5.57
CA ARG A 244 17.90 22.10 6.58
C ARG A 244 17.85 22.62 8.02
N SER A 245 18.46 23.78 8.29
CA SER A 245 18.47 24.33 9.67
C SER A 245 17.09 24.80 10.11
N ALA A 246 16.30 25.32 9.17
CA ALA A 246 14.90 25.67 9.46
C ALA A 246 14.12 24.43 9.91
N LEU A 247 14.21 23.36 9.12
CA LEU A 247 13.54 22.10 9.44
C LEU A 247 14.02 21.55 10.80
N GLN A 248 15.33 21.54 11.03
CA GLN A 248 15.88 21.04 12.29
C GLN A 248 15.42 21.85 13.50
N SER A 249 15.41 23.17 13.37
CA SER A 249 14.95 24.05 14.46
C SER A 249 13.48 23.84 14.76
N MET A 250 12.67 23.69 13.71
CA MET A 250 11.23 23.39 13.85
C MET A 250 11.02 22.09 14.65
N VAL A 251 11.73 21.04 14.28
CA VAL A 251 11.67 19.75 14.98
C VAL A 251 12.06 19.90 16.47
N SER A 252 13.20 20.55 16.73
CA SER A 252 13.68 20.75 18.10
C SER A 252 12.70 21.54 18.97
N GLU A 253 12.11 22.58 18.39
CA GLU A 253 11.28 23.52 19.14
C GLU A 253 9.83 23.09 19.30
N ARG A 254 9.34 22.21 18.44
CA ARG A 254 7.89 21.96 18.32
C ARG A 254 7.42 20.54 18.55
N CYS A 255 8.27 19.54 18.35
CA CYS A 255 7.91 18.15 18.64
C CYS A 255 8.60 17.61 19.90
N GLY A 256 7.85 16.81 20.67
CA GLY A 256 8.39 16.03 21.78
C GLY A 256 8.48 14.57 21.35
N LYS A 257 7.51 13.76 21.80
CA LYS A 257 7.42 12.36 21.36
C LYS A 257 6.77 12.33 19.98
N GLY A 258 7.54 11.92 18.98
CA GLY A 258 7.02 11.73 17.64
C GLY A 258 6.39 12.97 17.00
N ASP A 259 5.48 12.72 16.07
CA ASP A 259 4.91 13.71 15.19
C ASP A 259 4.08 14.79 15.89
N VAL A 260 3.98 15.96 15.29
CA VAL A 260 3.12 17.06 15.77
C VAL A 260 2.51 17.81 14.57
N ARG A 261 1.25 18.26 14.72
CA ARG A 261 0.61 19.07 13.67
C ARG A 261 1.08 20.51 13.76
N ILE A 262 1.31 21.13 12.61
CA ILE A 262 1.66 22.57 12.52
C ILE A 262 0.81 23.23 11.44
N ARG A 263 1.07 24.50 11.17
CA ARG A 263 0.49 25.19 10.03
C ARG A 263 1.53 25.16 8.94
N PHE A 264 1.08 25.05 7.68
CA PHE A 264 1.96 25.04 6.51
C PHE A 264 2.85 26.27 6.40
N GLN A 265 2.30 27.42 6.78
CA GLN A 265 3.07 28.67 6.68
C GLN A 265 4.18 28.81 7.73
N GLU A 266 4.17 27.99 8.78
CA GLU A 266 5.27 28.01 9.75
C GLU A 266 6.65 27.73 9.17
N PHE A 267 6.75 26.93 8.10
CA PHE A 267 8.05 26.71 7.49
C PHE A 267 8.60 28.03 6.94
N MET A 268 7.75 28.72 6.18
CA MET A 268 8.10 30.02 5.60
C MET A 268 8.44 31.03 6.68
N GLU A 269 7.67 31.03 7.77
CA GLU A 269 7.94 31.89 8.93
C GLU A 269 9.35 31.70 9.49
N TYR A 270 9.74 30.44 9.74
CA TYR A 270 11.09 30.11 10.23
C TYR A 270 12.18 30.54 9.26
N MET A 271 11.95 30.33 7.96
CA MET A 271 12.91 30.76 6.94
C MET A 271 13.10 32.28 6.99
N ARG A 272 11.98 32.99 7.07
CA ARG A 272 11.97 34.45 7.15
C ARG A 272 12.72 35.01 8.34
N ILE A 273 12.43 34.50 9.54
CA ILE A 273 13.01 35.07 10.77
C ILE A 273 14.49 34.72 10.94
N MET A 274 14.82 33.45 10.74
CA MET A 274 16.20 32.98 10.93
C MET A 274 17.20 33.62 9.97
N ASN A 275 16.78 33.86 8.73
CA ASN A 275 17.62 34.41 7.68
C ASN A 275 17.34 35.87 7.32
N LYS A 276 16.37 36.47 7.99
CA LYS A 276 16.08 37.91 7.90
C LYS A 276 15.70 38.35 6.49
N ARG A 277 14.77 37.62 5.88
CA ARG A 277 14.29 37.90 4.53
C ARG A 277 12.77 37.85 4.46
N SER A 278 12.21 38.54 3.47
CA SER A 278 10.77 38.51 3.20
C SER A 278 10.36 37.20 2.53
N GLU A 279 9.05 36.99 2.42
CA GLU A 279 8.50 35.79 1.75
C GLU A 279 8.94 35.74 0.28
N ARG A 280 8.80 36.86 -0.44
CA ARG A 280 9.19 36.97 -1.84
C ARG A 280 10.64 36.51 -2.07
N GLU A 281 11.54 36.99 -1.23
CA GLU A 281 12.98 36.70 -1.34
C GLU A 281 13.26 35.22 -1.19
N ILE A 282 12.62 34.58 -0.20
CA ILE A 282 12.77 33.14 0.01
CA ILE A 282 12.77 33.13 0.02
C ILE A 282 12.19 32.34 -1.15
N ARG A 283 11.01 32.74 -1.63
CA ARG A 283 10.38 32.11 -2.82
C ARG A 283 11.23 32.25 -4.07
N SER A 284 11.82 33.44 -4.25
CA SER A 284 12.78 33.70 -5.34
C SER A 284 13.97 32.72 -5.23
N LEU A 285 14.55 32.60 -4.03
CA LEU A 285 15.63 31.64 -3.79
C LEU A 285 15.25 30.18 -4.09
N LEU A 286 14.05 29.78 -3.66
CA LEU A 286 13.52 28.44 -3.95
C LEU A 286 13.36 28.19 -5.44
N ASN A 287 12.90 29.21 -6.17
CA ASN A 287 12.85 29.18 -7.64
C ASN A 287 14.25 29.04 -8.25
N ALA A 288 15.22 29.80 -7.72
CA ALA A 288 16.61 29.67 -8.17
C ALA A 288 17.14 28.25 -7.96
N LEU A 289 16.79 27.63 -6.82
CA LEU A 289 17.16 26.23 -6.55
C LEU A 289 16.56 25.28 -7.58
N TYR A 290 15.31 25.50 -7.96
CA TYR A 290 14.68 24.68 -8.98
C TYR A 290 15.42 24.81 -10.33
N LEU A 291 15.83 26.03 -10.66
CA LEU A 291 16.53 26.28 -11.93
C LEU A 291 17.89 25.59 -11.95
N PHE A 292 18.60 25.64 -10.83
CA PHE A 292 19.83 24.88 -10.67
C PHE A 292 19.57 23.38 -10.87
N GLY A 293 18.44 22.90 -10.35
CA GLY A 293 17.97 21.55 -10.61
C GLY A 293 17.86 21.22 -12.10
N GLU A 294 17.31 22.15 -12.86
CA GLU A 294 17.18 21.95 -14.29
C GLU A 294 18.56 21.80 -14.93
N TYR A 295 19.52 22.60 -14.49
CA TYR A 295 20.91 22.50 -14.97
C TYR A 295 21.54 21.13 -14.65
N VAL A 296 21.31 20.66 -13.42
CA VAL A 296 21.79 19.33 -12.99
C VAL A 296 21.21 18.21 -13.85
N GLU A 297 19.92 18.32 -14.18
CA GLU A 297 19.27 17.36 -15.06
C GLU A 297 19.92 17.35 -16.43
N ASN A 298 20.13 18.54 -16.99
CA ASN A 298 20.77 18.69 -18.29
C ASN A 298 22.16 18.09 -18.33
N GLU A 299 22.96 18.33 -17.28
CA GLU A 299 24.34 17.81 -17.21
C GLU A 299 24.39 16.29 -17.13
N LYS A 300 23.56 15.72 -16.26
CA LYS A 300 23.49 14.26 -16.11
C LYS A 300 23.06 13.61 -17.40
N GLU A 301 22.05 14.21 -18.02
CA GLU A 301 21.46 13.67 -19.24
C GLU A 301 22.52 13.60 -20.32
N LYS A 302 23.27 14.68 -20.52
CA LYS A 302 24.26 14.70 -21.61
C LYS A 302 25.49 13.75 -21.43
N VAL A 303 25.66 13.12 -20.25
CA VAL A 303 26.63 12.02 -20.07
C VAL A 303 25.97 10.63 -19.89
N GLY A 304 24.68 10.51 -20.20
CA GLY A 304 23.97 9.22 -20.15
C GLY A 304 23.55 8.75 -18.78
N LYS A 305 23.49 9.66 -17.79
CA LYS A 305 22.96 9.32 -16.47
C LYS A 305 21.44 9.57 -16.45
N VAL A 306 20.79 9.04 -15.42
CA VAL A 306 19.38 9.30 -15.18
C VAL A 306 19.28 10.75 -14.73
N PRO A 307 18.55 11.59 -15.48
CA PRO A 307 18.52 13.02 -15.15
C PRO A 307 17.51 13.31 -14.05
N PHE A 308 17.77 12.77 -12.85
CA PHE A 308 16.98 13.07 -11.67
C PHE A 308 17.88 13.90 -10.79
N SER A 309 17.33 15.00 -10.28
CA SER A 309 18.04 15.96 -9.48
C SER A 309 17.35 16.11 -8.14
N TYR A 310 18.13 15.88 -7.08
CA TYR A 310 17.66 16.08 -5.70
C TYR A 310 17.37 17.56 -5.43
N ALA A 311 18.13 18.45 -6.04
CA ALA A 311 17.87 19.88 -5.88
C ALA A 311 16.53 20.28 -6.48
N SER A 312 16.25 19.77 -7.68
CA SER A 312 14.94 19.93 -8.32
C SER A 312 13.79 19.38 -7.46
N SER A 313 13.90 18.11 -7.07
CA SER A 313 12.87 17.44 -6.28
C SER A 313 12.64 18.13 -4.95
N VAL A 314 13.73 18.49 -4.27
CA VAL A 314 13.61 19.20 -3.01
C VAL A 314 12.89 20.53 -3.25
N ALA A 315 13.35 21.29 -4.24
CA ALA A 315 12.74 22.60 -4.53
C ALA A 315 11.26 22.51 -4.83
N SER A 316 10.84 21.57 -5.68
CA SER A 316 9.42 21.52 -6.03
C SER A 316 8.55 21.06 -4.85
N ARG A 317 9.06 20.14 -4.03
CA ARG A 317 8.32 19.69 -2.83
C ARG A 317 8.20 20.80 -1.77
N ILE A 318 9.25 21.58 -1.53
CA ILE A 318 9.15 22.69 -0.56
C ILE A 318 8.16 23.75 -1.05
N ILE A 319 8.21 24.09 -2.33
CA ILE A 319 7.27 25.07 -2.92
C ILE A 319 5.84 24.55 -2.80
N ALA A 320 5.63 23.29 -3.17
CA ALA A 320 4.32 22.66 -3.00
C ALA A 320 3.86 22.68 -1.54
N PHE A 321 4.77 22.37 -0.60
CA PHE A 321 4.45 22.39 0.84
C PHE A 321 3.96 23.76 1.31
N SER A 322 4.73 24.80 0.98
CA SER A 322 4.38 26.21 1.28
C SER A 322 3.02 26.71 0.74
N ASP A 323 2.47 26.03 -0.28
CA ASP A 323 1.20 26.43 -0.92
C ASP A 323 0.03 25.46 -0.69
N GLN A 324 0.18 24.45 0.18
CA GLN A 324 -0.94 23.53 0.45
C GLN A 324 -2.00 24.26 1.26
N ASP A 325 -3.26 23.87 1.06
CA ASP A 325 -4.38 24.45 1.81
C ASP A 325 -4.78 23.53 2.98
N GLU A 326 -4.94 24.15 4.15
CA GLU A 326 -5.12 23.40 5.40
C GLU A 326 -6.42 22.57 5.51
N GLU A 327 -7.38 22.85 4.61
CA GLU A 327 -8.71 22.22 4.63
C GLU A 327 -8.67 20.70 4.47
N LYS A 328 -7.93 20.22 3.47
CA LYS A 328 -7.88 18.79 3.12
C LYS A 328 -6.57 18.13 3.54
N TYR A 329 -5.64 18.92 4.08
CA TYR A 329 -4.26 18.49 4.30
C TYR A 329 -3.77 18.93 5.68
N ALA A 330 -2.99 18.08 6.33
CA ALA A 330 -2.35 18.43 7.59
C ALA A 330 -0.86 18.62 7.34
N ALA A 331 -0.31 19.69 7.89
CA ALA A 331 1.13 19.89 7.91
C ALA A 331 1.67 19.15 9.13
N ILE A 332 2.47 18.11 8.88
CA ILE A 332 2.97 17.22 9.94
C ILE A 332 4.48 17.44 10.08
N LEU A 333 4.94 17.62 11.31
CA LEU A 333 6.36 17.77 11.60
C LEU A 333 6.82 16.58 12.44
N SER A 334 7.84 15.88 11.97
CA SER A 334 8.30 14.64 12.60
C SER A 334 9.80 14.63 12.92
N PRO A 335 10.21 13.99 14.03
CA PRO A 335 11.62 13.66 14.28
C PRO A 335 12.03 12.28 13.73
N GLU A 336 11.06 11.48 13.31
CA GLU A 336 11.31 10.11 12.85
C GLU A 336 11.98 10.07 11.48
N ASP A 337 12.71 8.98 11.20
CA ASP A 337 13.50 8.81 9.97
C ASP A 337 14.48 9.97 9.74
N GLY A 338 15.16 10.41 10.81
CA GLY A 338 16.12 11.53 10.73
C GLY A 338 15.56 12.96 10.69
N GLY A 339 14.24 13.13 10.62
CA GLY A 339 13.62 14.47 10.62
C GLY A 339 12.97 14.81 9.28
N TYR A 340 11.68 15.18 9.30
CA TYR A 340 10.95 15.58 8.08
C TYR A 340 9.69 16.44 8.34
N MET A 341 9.26 17.14 7.29
CA MET A 341 8.01 17.89 7.25
C MET A 341 7.15 17.36 6.10
N GLN A 342 5.85 17.23 6.33
CA GLN A 342 5.00 16.44 5.45
C GLN A 342 3.65 17.09 5.21
N ALA A 343 3.19 17.04 3.97
CA ALA A 343 1.80 17.34 3.63
C ALA A 343 1.06 16.01 3.62
N ALA A 344 0.32 15.74 4.70
CA ALA A 344 -0.48 14.52 4.81
C ALA A 344 -1.89 14.75 4.26
N ALA A 345 -2.26 13.98 3.23
CA ALA A 345 -3.61 14.03 2.68
C ALA A 345 -4.58 13.37 3.63
N LEU A 346 -5.61 14.12 4.02
CA LEU A 346 -6.63 13.64 4.92
C LEU A 346 -7.80 13.02 4.15
N ASP A 347 -8.13 13.61 2.99
CA ASP A 347 -9.26 13.18 2.15
C ASP A 347 -8.79 12.52 0.84
N PRO A 348 -8.95 11.20 0.73
CA PRO A 348 -8.52 10.52 -0.51
C PRO A 348 -9.50 10.68 -1.69
N SER A 349 -10.69 11.23 -1.48
CA SER A 349 -11.66 11.32 -2.58
C SER A 349 -11.18 12.21 -3.73
N GLY A 350 -10.32 13.18 -3.45
CA GLY A 350 -9.70 13.99 -4.48
C GLY A 350 -8.86 13.15 -5.44
N ILE A 351 -7.95 12.35 -4.88
CA ILE A 351 -7.05 11.52 -5.70
C ILE A 351 -7.83 10.41 -6.42
N LEU A 352 -8.81 9.82 -5.76
CA LEU A 352 -9.61 8.73 -6.35
C LEU A 352 -10.63 9.19 -7.38
N GLU A 353 -10.95 10.49 -7.41
CA GLU A 353 -12.01 11.06 -8.26
C GLU A 353 -11.92 10.73 -9.75
N VAL A 354 -10.71 10.74 -10.32
CA VAL A 354 -10.53 10.38 -11.73
C VAL A 354 -11.05 8.97 -12.09
N LEU A 355 -11.09 8.06 -11.11
CA LEU A 355 -11.61 6.71 -11.31
C LEU A 355 -13.12 6.67 -11.66
N LYS A 356 -13.84 7.73 -11.31
CA LYS A 356 -15.26 7.87 -11.67
C LYS A 356 -15.47 8.01 -13.18
N GLU A 357 -14.46 8.50 -13.91
CA GLU A 357 -14.54 8.63 -15.37
C GLU A 357 -14.57 7.28 -16.10
N SER A 358 -14.21 6.21 -15.39
CA SER A 358 -14.36 4.85 -15.88
C SER A 358 -15.43 4.18 -15.02
N LYS A 359 -15.89 3.01 -15.44
CA LYS A 359 -16.65 2.13 -14.57
C LYS A 359 -15.67 1.47 -13.59
N THR A 360 -16.07 1.40 -12.31
CA THR A 360 -15.26 0.75 -11.29
C THR A 360 -16.03 -0.39 -10.65
N ILE A 361 -15.34 -1.50 -10.41
CA ILE A 361 -15.88 -2.62 -9.66
C ILE A 361 -15.01 -2.76 -8.39
N HIS A 362 -15.60 -2.47 -7.24
CA HIS A 362 -14.86 -2.42 -5.98
C HIS A 362 -14.99 -3.79 -5.30
N MET A 363 -13.93 -4.60 -5.36
CA MET A 363 -13.92 -5.98 -4.86
CA MET A 363 -13.95 -5.96 -4.84
C MET A 363 -13.14 -6.05 -3.56
N SER A 364 -13.72 -6.74 -2.57
CA SER A 364 -13.04 -7.00 -1.30
C SER A 364 -13.84 -7.95 -0.43
N GLY A 365 -13.14 -8.67 0.43
CA GLY A 365 -13.77 -9.47 1.48
C GLY A 365 -14.45 -8.64 2.57
N THR A 366 -14.04 -7.38 2.73
CA THR A 366 -14.44 -6.55 3.87
C THR A 366 -14.67 -5.10 3.47
N LEU A 367 -15.78 -4.85 2.80
CA LEU A 367 -16.26 -3.49 2.46
C LEU A 367 -17.25 -2.94 3.49
N ASP A 368 -18.04 -3.83 4.08
CA ASP A 368 -18.98 -3.46 5.14
C ASP A 368 -18.16 -3.00 6.35
N PRO A 369 -18.53 -1.92 7.05
CA PRO A 369 -19.76 -1.12 6.84
C PRO A 369 -19.63 -0.10 5.70
N PHE A 370 -20.45 -0.24 4.67
CA PHE A 370 -20.24 0.43 3.39
C PHE A 370 -20.45 1.95 3.41
N ASP A 371 -21.32 2.44 4.28
CA ASP A 371 -21.52 3.90 4.43
C ASP A 371 -20.20 4.61 4.68
N PHE A 372 -19.37 4.02 5.51
CA PHE A 372 -18.11 4.63 5.94
C PHE A 372 -17.16 4.66 4.71
N TYR A 373 -17.09 3.55 3.99
CA TYR A 373 -16.28 3.41 2.76
C TYR A 373 -16.67 4.45 1.69
N SER A 374 -17.98 4.59 1.50
CA SER A 374 -18.57 5.53 0.55
C SER A 374 -18.31 6.98 0.93
N ASP A 375 -18.52 7.32 2.20
CA ASP A 375 -18.20 8.67 2.70
C ASP A 375 -16.70 9.00 2.54
N ILE A 376 -15.83 8.05 2.83
CA ILE A 376 -14.36 8.31 2.84
C ILE A 376 -13.77 8.39 1.42
N THR A 377 -14.17 7.47 0.55
CA THR A 377 -13.70 7.45 -0.84
C THR A 377 -14.43 8.44 -1.74
N GLY A 378 -15.66 8.79 -1.36
CA GLY A 378 -16.54 9.64 -2.17
C GLY A 378 -17.29 8.87 -3.24
N PHE A 379 -17.25 7.53 -3.19
CA PHE A 379 -17.93 6.71 -4.20
C PHE A 379 -19.36 6.40 -3.78
N GLU A 380 -20.31 6.99 -4.50
CA GLU A 380 -21.74 6.80 -4.27
C GLU A 380 -22.22 5.79 -5.29
N ILE A 381 -22.10 4.51 -4.93
CA ILE A 381 -22.38 3.40 -5.83
C ILE A 381 -23.14 2.30 -5.09
N PRO A 382 -23.86 1.43 -5.82
CA PRO A 382 -24.55 0.34 -5.14
C PRO A 382 -23.60 -0.67 -4.53
N PHE A 383 -24.02 -1.21 -3.38
CA PHE A 383 -23.25 -2.19 -2.64
C PHE A 383 -24.03 -3.50 -2.60
N LYS A 384 -23.33 -4.62 -2.77
CA LYS A 384 -23.93 -5.96 -2.75
C LYS A 384 -23.02 -6.96 -2.02
N LYS A 385 -23.60 -7.69 -1.07
CA LYS A 385 -22.93 -8.85 -0.46
C LYS A 385 -23.22 -10.10 -1.28
N ILE A 386 -22.48 -10.26 -2.38
CA ILE A 386 -22.49 -11.54 -3.10
C ILE A 386 -21.63 -12.52 -2.30
N GLY A 387 -21.51 -13.75 -2.77
CA GLY A 387 -20.60 -14.70 -2.12
C GLY A 387 -21.27 -15.78 -1.30
N GLU A 388 -20.46 -16.76 -0.94
CA GLU A 388 -20.90 -17.94 -0.19
C GLU A 388 -21.42 -17.56 1.19
N ILE A 389 -22.62 -18.06 1.51
CA ILE A 389 -23.06 -18.12 2.90
C ILE A 389 -22.45 -19.41 3.45
N PHE A 390 -21.30 -19.27 4.12
CA PHE A 390 -20.63 -20.41 4.76
C PHE A 390 -21.43 -20.86 5.96
N PRO A 391 -21.59 -22.20 6.17
CA PRO A 391 -22.40 -22.67 7.30
C PRO A 391 -21.88 -22.14 8.65
N PRO A 392 -22.71 -21.39 9.42
CA PRO A 392 -22.24 -20.78 10.67
C PRO A 392 -21.73 -21.78 11.72
N GLU A 393 -22.26 -23.00 11.73
CA GLU A 393 -21.78 -24.08 12.62
C GLU A 393 -20.28 -24.45 12.44
N ASN A 394 -19.73 -24.24 11.24
CA ASN A 394 -18.32 -24.51 10.97
C ASN A 394 -17.35 -23.48 11.53
N ARG A 395 -17.85 -22.33 11.93
CA ARG A 395 -17.04 -21.23 12.46
C ARG A 395 -17.45 -20.90 13.89
N TYR A 396 -16.46 -20.63 14.73
CA TYR A 396 -16.68 -20.09 16.07
C TYR A 396 -15.89 -18.81 16.18
N ILE A 397 -16.59 -17.70 16.38
CA ILE A 397 -15.98 -16.41 16.67
C ILE A 397 -16.42 -15.96 18.06
N ALA A 398 -15.45 -15.59 18.89
CA ALA A 398 -15.70 -15.19 20.27
C ALA A 398 -14.75 -14.10 20.73
N TYR A 399 -15.12 -13.38 21.79
CA TYR A 399 -14.19 -12.51 22.50
C TYR A 399 -14.18 -12.83 23.99
N TYR A 400 -13.07 -12.50 24.64
CA TYR A 400 -12.90 -12.71 26.07
C TYR A 400 -12.52 -11.36 26.68
N ASP A 401 -13.24 -10.97 27.74
CA ASP A 401 -13.10 -9.62 28.32
C ASP A 401 -12.22 -9.51 29.57
N GLY A 402 -11.54 -10.58 29.97
CA GLY A 402 -10.66 -10.56 31.15
C GLY A 402 -9.34 -9.82 30.97
N VAL A 403 -8.98 -9.52 29.73
CA VAL A 403 -7.76 -8.77 29.41
C VAL A 403 -8.05 -7.73 28.32
N SER A 404 -7.07 -6.88 28.06
CA SER A 404 -7.19 -5.81 27.07
C SER A 404 -5.79 -5.32 26.75
N SER A 405 -5.57 -4.93 25.50
CA SER A 405 -4.37 -4.17 25.13
C SER A 405 -4.50 -2.64 25.36
N LYS A 406 -5.60 -2.15 25.94
CA LYS A 406 -5.77 -0.70 26.12
C LYS A 406 -4.55 -0.08 26.79
N TYR A 407 -3.98 0.94 26.17
CA TYR A 407 -2.68 1.51 26.56
C TYR A 407 -2.62 1.89 28.04
N ASP A 408 -3.50 2.79 28.45
CA ASP A 408 -3.41 3.35 29.82
C ASP A 408 -3.81 2.39 30.97
N THR A 409 -4.22 1.15 30.65
CA THR A 409 -4.37 0.10 31.66
C THR A 409 -3.42 -1.08 31.44
N LEU A 410 -2.43 -0.92 30.57
CA LEU A 410 -1.50 -2.01 30.22
C LEU A 410 -0.24 -1.97 31.10
N ASP A 411 -0.27 -2.71 32.20
CA ASP A 411 0.88 -2.87 33.12
C ASP A 411 1.39 -4.32 33.03
N GLU A 412 2.40 -4.66 33.82
CA GLU A 412 3.04 -5.98 33.76
C GLU A 412 2.09 -7.12 34.12
N LYS A 413 1.18 -6.86 35.08
CA LYS A 413 0.15 -7.85 35.44
C LYS A 413 -0.90 -8.13 34.33
N GLU A 414 -1.30 -7.10 33.57
CA GLU A 414 -2.18 -7.31 32.40
C GLU A 414 -1.48 -8.10 31.29
N LEU A 415 -0.20 -7.83 31.10
CA LEU A 415 0.65 -8.63 30.20
C LEU A 415 0.76 -10.10 30.64
N ASP A 416 1.03 -10.33 31.93
CA ASP A 416 1.04 -11.69 32.51
C ASP A 416 -0.27 -12.43 32.24
N ARG A 417 -1.38 -11.75 32.53
CA ARG A 417 -2.73 -12.28 32.30
C ARG A 417 -2.96 -12.67 30.84
N MET A 418 -2.59 -11.79 29.92
CA MET A 418 -2.74 -12.02 28.48
C MET A 418 -1.97 -13.27 28.02
N ALA A 419 -0.71 -13.37 28.48
CA ALA A 419 0.16 -14.49 28.12
C ALA A 419 -0.39 -15.83 28.64
N THR A 420 -0.80 -15.84 29.90
CA THR A 420 -1.45 -16.99 30.53
C THR A 420 -2.64 -17.49 29.70
N VAL A 421 -3.54 -16.59 29.36
CA VAL A 421 -4.72 -16.95 28.54
C VAL A 421 -4.30 -17.50 27.18
N ILE A 422 -3.31 -16.87 26.54
CA ILE A 422 -2.86 -17.33 25.23
C ILE A 422 -2.30 -18.74 25.37
N GLU A 423 -1.45 -18.92 26.36
CA GLU A 423 -0.83 -20.22 26.61
C GLU A 423 -1.87 -21.30 26.95
N ASP A 424 -2.85 -20.94 27.78
CA ASP A 424 -3.92 -21.89 28.10
C ASP A 424 -4.65 -22.35 26.84
N ILE A 425 -5.01 -21.42 25.96
CA ILE A 425 -5.72 -21.75 24.72
C ILE A 425 -4.88 -22.70 23.82
N ILE A 426 -3.68 -22.27 23.41
CA ILE A 426 -2.80 -23.08 22.52
C ILE A 426 -2.53 -24.50 23.03
N LEU A 427 -2.21 -24.62 24.32
CA LEU A 427 -1.89 -25.93 24.91
C LEU A 427 -3.09 -26.89 25.01
N LYS A 428 -4.28 -26.34 25.27
CA LYS A 428 -5.52 -27.12 25.33
C LYS A 428 -6.06 -27.44 23.94
N VAL A 429 -6.03 -26.47 23.03
CA VAL A 429 -6.66 -26.65 21.73
C VAL A 429 -5.79 -27.49 20.80
N LYS A 430 -4.47 -27.29 20.83
CA LYS A 430 -3.53 -28.07 20.01
C LYS A 430 -3.91 -28.05 18.54
N LYS A 431 -4.03 -26.85 18.00
CA LYS A 431 -4.39 -26.65 16.60
C LYS A 431 -3.48 -25.63 15.97
N ASN A 432 -3.51 -25.57 14.65
CA ASN A 432 -2.65 -24.65 13.90
C ASN A 432 -3.16 -23.22 13.98
N THR A 433 -2.33 -22.36 14.55
CA THR A 433 -2.76 -21.08 15.08
C THR A 433 -1.84 -19.94 14.66
N ILE A 434 -2.45 -18.82 14.28
CA ILE A 434 -1.76 -17.54 14.17
C ILE A 434 -2.25 -16.66 15.33
N VAL A 435 -1.32 -16.14 16.12
CA VAL A 435 -1.66 -15.15 17.14
C VAL A 435 -1.26 -13.77 16.59
N TYR A 436 -2.27 -12.90 16.38
CA TYR A 436 -2.06 -11.55 15.89
C TYR A 436 -1.92 -10.54 17.03
N PHE A 437 -0.86 -9.74 16.99
CA PHE A 437 -0.62 -8.68 17.98
C PHE A 437 -0.72 -7.28 17.34
N PRO A 438 -1.21 -6.28 18.10
CA PRO A 438 -1.30 -4.93 17.54
C PRO A 438 0.06 -4.33 17.21
N SER A 439 1.10 -4.75 17.93
CA SER A 439 2.45 -4.21 17.78
C SER A 439 3.53 -5.28 17.97
N TYR A 440 4.71 -5.03 17.43
CA TYR A 440 5.90 -5.84 17.76
C TYR A 440 6.23 -5.75 19.27
N SER A 441 6.01 -4.58 19.86
CA SER A 441 6.19 -4.35 21.32
C SER A 441 5.35 -5.31 22.16
N LEU A 442 4.04 -5.33 21.92
CA LEU A 442 3.16 -6.27 22.63
C LEU A 442 3.55 -7.74 22.38
N MET A 443 3.88 -8.08 21.14
CA MET A 443 4.34 -9.43 20.79
C MET A 443 5.57 -9.84 21.58
N ASP A 444 6.56 -8.96 21.62
CA ASP A 444 7.84 -9.25 22.31
C ASP A 444 7.63 -9.41 23.81
N ARG A 445 6.80 -8.54 24.40
CA ARG A 445 6.51 -8.58 25.83
C ARG A 445 5.65 -9.78 26.23
N VAL A 446 4.73 -10.17 25.36
CA VAL A 446 3.97 -11.41 25.58
C VAL A 446 4.86 -12.64 25.38
N GLU A 447 5.65 -12.63 24.31
CA GLU A 447 6.59 -13.72 24.00
C GLU A 447 7.53 -14.06 25.16
N ASN A 448 7.95 -13.02 25.89
CA ASN A 448 8.82 -13.19 27.05
C ASN A 448 8.16 -13.93 28.24
N ARG A 449 6.83 -14.10 28.20
CA ARG A 449 6.07 -14.74 29.29
C ARG A 449 5.49 -16.12 28.95
N VAL A 450 5.88 -16.70 27.80
CA VAL A 450 5.33 -17.99 27.36
C VAL A 450 6.44 -19.00 27.09
N SER A 451 6.09 -20.28 27.20
CA SER A 451 7.05 -21.40 27.10
C SER A 451 6.97 -22.16 25.79
N PHE A 452 5.78 -22.21 25.19
CA PHE A 452 5.54 -23.05 24.01
C PHE A 452 6.35 -22.62 22.78
N GLU A 453 6.70 -23.60 21.95
CA GLU A 453 7.42 -23.33 20.70
C GLU A 453 6.51 -22.62 19.71
N HIS A 454 7.08 -21.68 18.99
CA HIS A 454 6.37 -20.93 17.96
C HIS A 454 7.35 -20.29 17.01
N MET A 455 6.87 -20.07 15.79
CA MET A 455 7.54 -19.25 14.81
C MET A 455 7.12 -17.80 15.02
N LYS A 456 7.84 -16.87 14.41
CA LYS A 456 7.57 -15.44 14.58
C LYS A 456 7.87 -14.60 13.35
N GLU A 457 6.88 -13.82 12.92
CA GLU A 457 7.06 -12.78 11.91
C GLU A 457 7.63 -11.57 12.64
N TYR A 458 8.95 -11.39 12.54
CA TYR A 458 9.68 -10.35 13.29
C TYR A 458 9.86 -9.11 12.44
N ARG A 459 10.09 -7.96 13.08
CA ARG A 459 10.26 -6.68 12.37
C ARG A 459 11.44 -6.75 11.41
N GLY A 460 11.21 -6.33 10.17
CA GLY A 460 12.24 -6.29 9.14
C GLY A 460 12.62 -7.63 8.53
N ILE A 461 11.76 -8.63 8.66
CA ILE A 461 12.00 -9.96 8.06
C ILE A 461 11.94 -9.85 6.53
N ASP A 462 12.90 -10.50 5.84
CA ASP A 462 12.97 -10.45 4.36
C ASP A 462 12.06 -11.51 3.70
N GLN A 463 11.99 -11.47 2.37
CA GLN A 463 11.11 -12.37 1.59
C GLN A 463 11.44 -13.85 1.77
N LYS A 464 12.73 -14.20 1.69
CA LYS A 464 13.18 -15.60 1.84
C LYS A 464 12.88 -16.18 3.21
N GLU A 465 13.15 -15.42 4.26
CA GLU A 465 12.85 -15.85 5.63
C GLU A 465 11.33 -16.00 5.86
N LEU A 466 10.54 -15.09 5.29
CA LEU A 466 9.07 -15.13 5.42
C LEU A 466 8.43 -16.31 4.69
N TYR A 467 8.73 -16.49 3.40
CA TYR A 467 8.23 -17.67 2.66
C TYR A 467 8.68 -18.99 3.31
N SER A 468 9.92 -19.03 3.80
CA SER A 468 10.45 -20.19 4.53
C SER A 468 9.64 -20.50 5.81
N MET A 469 9.35 -19.47 6.59
CA MET A 469 8.54 -19.64 7.80
C MET A 469 7.11 -20.07 7.46
N LEU A 470 6.55 -19.47 6.40
CA LEU A 470 5.23 -19.86 5.93
C LEU A 470 5.20 -21.32 5.46
N LYS A 471 6.17 -21.72 4.65
CA LYS A 471 6.27 -23.13 4.22
C LYS A 471 6.55 -24.11 5.39
N LYS A 472 7.21 -23.61 6.44
CA LYS A 472 7.45 -24.38 7.66
C LYS A 472 6.17 -24.56 8.47
N PHE A 473 5.37 -23.50 8.55
CA PHE A 473 4.05 -23.54 9.18
C PHE A 473 3.09 -24.54 8.51
N ARG A 474 2.97 -24.48 7.18
CA ARG A 474 2.14 -25.45 6.43
C ARG A 474 2.60 -26.91 6.69
N ARG A 475 3.91 -27.09 6.77
CA ARG A 475 4.53 -28.42 6.82
C ARG A 475 4.63 -28.99 8.25
N ASP A 476 5.28 -28.24 9.13
CA ASP A 476 5.54 -28.69 10.51
C ASP A 476 4.40 -28.39 11.48
N HIS A 477 3.48 -27.51 11.11
CA HIS A 477 2.33 -27.10 11.96
C HIS A 477 2.78 -26.35 13.22
N GLY A 478 1.81 -25.90 14.02
CA GLY A 478 2.08 -25.25 15.30
C GLY A 478 1.50 -23.84 15.36
N THR A 479 2.33 -22.88 15.74
CA THR A 479 1.89 -21.53 16.08
C THR A 479 2.81 -20.45 15.50
N ILE A 480 2.20 -19.44 14.86
CA ILE A 480 2.92 -18.23 14.44
C ILE A 480 2.45 -17.02 15.22
N PHE A 481 3.42 -16.24 15.68
CA PHE A 481 3.20 -14.90 16.20
C PHE A 481 3.39 -13.91 15.04
N ALA A 482 2.34 -13.16 14.73
CA ALA A 482 2.32 -12.18 13.65
C ALA A 482 1.79 -10.85 14.19
N VAL A 483 2.10 -9.78 13.47
CA VAL A 483 1.70 -8.43 13.84
C VAL A 483 0.64 -7.92 12.87
N SER A 484 -0.27 -7.10 13.39
CA SER A 484 -1.42 -6.57 12.62
C SER A 484 -1.11 -5.93 11.27
N GLY A 485 -0.02 -5.20 11.15
CA GLY A 485 0.30 -4.52 9.89
C GLY A 485 1.16 -5.32 8.93
N GLY A 486 1.48 -6.56 9.30
CA GLY A 486 2.42 -7.40 8.53
C GLY A 486 1.78 -8.12 7.36
N ARG A 487 2.46 -9.15 6.86
CA ARG A 487 2.07 -9.81 5.61
C ARG A 487 1.10 -10.99 5.77
N LEU A 488 0.86 -11.44 7.00
CA LEU A 488 -0.12 -12.49 7.27
C LEU A 488 -1.53 -11.97 7.61
N SER A 489 -1.67 -10.65 7.80
CA SER A 489 -2.95 -10.06 8.23
C SER A 489 -4.00 -10.03 7.10
N GLU A 490 -3.56 -9.71 5.88
CA GLU A 490 -4.36 -9.80 4.66
C GLU A 490 -3.76 -10.85 3.70
N GLY A 491 -4.49 -11.13 2.62
CA GLY A 491 -3.94 -11.81 1.46
C GLY A 491 -3.85 -13.32 1.51
N ILE A 492 -3.05 -13.84 2.44
CA ILE A 492 -2.55 -15.22 2.38
C ILE A 492 -3.61 -16.31 2.68
N ASN A 493 -3.52 -17.40 1.91
CA ASN A 493 -4.46 -18.53 1.99
C ASN A 493 -3.85 -19.79 2.54
N PHE A 494 -4.50 -20.33 3.59
CA PHE A 494 -4.11 -21.57 4.22
C PHE A 494 -5.26 -22.55 4.00
N PRO A 495 -5.12 -23.45 3.00
CA PRO A 495 -6.21 -24.41 2.74
C PRO A 495 -6.29 -25.50 3.79
N GLY A 496 -7.50 -26.04 3.95
CA GLY A 496 -7.77 -27.17 4.84
C GLY A 496 -7.42 -26.84 6.27
N ASN A 497 -6.69 -27.76 6.91
CA ASN A 497 -6.37 -27.63 8.33
C ASN A 497 -5.00 -26.99 8.62
N GLU A 498 -4.43 -26.34 7.60
CA GLU A 498 -3.18 -25.56 7.76
C GLU A 498 -3.38 -24.36 8.69
N LEU A 499 -4.59 -23.79 8.69
CA LEU A 499 -4.96 -22.76 9.67
C LEU A 499 -6.32 -23.08 10.25
N GLU A 500 -6.33 -23.44 11.53
CA GLU A 500 -7.56 -23.78 12.26
C GLU A 500 -7.98 -22.78 13.33
N MET A 501 -7.05 -22.00 13.86
CA MET A 501 -7.38 -21.03 14.91
C MET A 501 -6.62 -19.74 14.75
N ILE A 502 -7.26 -18.66 15.14
CA ILE A 502 -6.67 -17.34 15.20
C ILE A 502 -6.98 -16.73 16.56
N ILE A 503 -5.95 -16.12 17.16
CA ILE A 503 -6.08 -15.41 18.42
C ILE A 503 -5.65 -13.96 18.21
N LEU A 504 -6.55 -13.01 18.47
CA LEU A 504 -6.21 -11.59 18.49
C LEU A 504 -5.82 -11.21 19.94
N ALA A 505 -4.53 -11.02 20.16
CA ALA A 505 -4.01 -10.63 21.48
C ALA A 505 -4.15 -9.12 21.64
N GLY A 506 -5.36 -8.67 21.96
CA GLY A 506 -5.65 -7.24 22.02
C GLY A 506 -6.24 -6.81 20.71
N LEU A 507 -6.72 -5.57 20.65
CA LEU A 507 -7.31 -5.01 19.44
C LEU A 507 -6.35 -4.04 18.78
N PRO A 508 -6.25 -4.08 17.44
CA PRO A 508 -5.29 -3.20 16.78
C PRO A 508 -5.86 -1.79 16.52
N PHE A 509 -6.24 -1.09 17.60
CA PHE A 509 -6.64 0.32 17.51
C PHE A 509 -5.44 1.14 16.99
N PRO A 510 -5.69 2.16 16.13
CA PRO A 510 -4.57 2.98 15.65
C PRO A 510 -3.98 3.89 16.73
N ARG A 511 -2.80 4.44 16.46
CA ARG A 511 -2.15 5.37 17.39
C ARG A 511 -2.80 6.72 17.29
N PRO A 512 -2.85 7.47 18.41
CA PRO A 512 -3.30 8.85 18.33
C PRO A 512 -2.12 9.77 17.94
N ASP A 513 -1.52 9.52 16.77
CA ASP A 513 -0.44 10.39 16.25
C ASP A 513 -1.03 11.60 15.54
N ALA A 514 -0.17 12.49 15.06
CA ALA A 514 -0.58 13.75 14.46
C ALA A 514 -1.51 13.56 13.27
N ILE A 515 -1.22 12.57 12.43
CA ILE A 515 -2.08 12.26 11.28
C ILE A 515 -3.46 11.76 11.72
N ASN A 516 -3.49 10.84 12.69
CA ASN A 516 -4.76 10.31 13.17
C ASN A 516 -5.58 11.33 13.95
N ARG A 517 -4.94 12.15 14.78
CA ARG A 517 -5.63 13.25 15.46
C ARG A 517 -6.18 14.30 14.46
N SER A 518 -5.51 14.45 13.31
CA SER A 518 -6.01 15.31 12.24
C SER A 518 -7.21 14.68 11.53
N LEU A 519 -7.14 13.37 11.26
CA LEU A 519 -8.25 12.66 10.64
C LEU A 519 -9.51 12.73 11.50
N PHE A 520 -9.33 12.61 12.82
CA PHE A 520 -10.41 12.70 13.79
C PHE A 520 -11.09 14.06 13.68
N ASP A 521 -10.29 15.13 13.72
CA ASP A 521 -10.85 16.47 13.62
C ASP A 521 -11.51 16.70 12.25
N TYR A 522 -10.91 16.18 11.18
CA TYR A 522 -11.50 16.29 9.84
C TYR A 522 -12.87 15.61 9.76
N TYR A 523 -12.96 14.38 10.27
CA TYR A 523 -14.23 13.63 10.23
C TYR A 523 -15.29 14.16 11.23
N CYS A 524 -14.82 14.81 12.31
CA CYS A 524 -15.71 15.55 13.22
CA CYS A 524 -15.71 15.52 13.23
C CYS A 524 -16.37 16.71 12.53
N ARG A 525 -15.56 17.54 11.87
CA ARG A 525 -16.05 18.72 11.14
C ARG A 525 -16.97 18.38 10.00
N LYS A 526 -16.62 17.34 9.24
CA LYS A 526 -17.38 16.97 8.05
C LYS A 526 -18.66 16.18 8.40
N TYR A 527 -18.56 15.21 9.30
CA TYR A 527 -19.67 14.29 9.65
C TYR A 527 -20.10 14.23 11.13
N GLY A 528 -19.32 14.82 12.04
CA GLY A 528 -19.57 14.66 13.49
C GLY A 528 -19.20 13.29 14.03
N LYS A 529 -18.31 12.59 13.35
CA LYS A 529 -18.02 11.19 13.68
C LYS A 529 -16.51 10.90 13.54
N GLY A 530 -15.70 11.73 14.20
CA GLY A 530 -14.27 11.48 14.31
C GLY A 530 -13.94 10.11 14.86
N TRP A 531 -14.62 9.72 15.92
CA TRP A 531 -14.38 8.43 16.58
C TRP A 531 -14.66 7.24 15.65
N GLU A 532 -15.82 7.27 14.98
CA GLU A 532 -16.25 6.17 14.13
C GLU A 532 -15.35 6.01 12.90
N TYR A 533 -15.03 7.12 12.23
CA TYR A 533 -14.28 7.08 10.96
C TYR A 533 -12.75 6.99 11.10
N SER A 534 -12.14 7.58 12.14
CA SER A 534 -10.69 7.47 12.32
C SER A 534 -10.26 6.32 13.24
N VAL A 535 -11.16 5.85 14.11
CA VAL A 535 -10.79 4.82 15.09
C VAL A 535 -11.54 3.51 14.91
N VAL A 536 -12.89 3.56 14.95
CA VAL A 536 -13.69 2.34 14.89
C VAL A 536 -13.55 1.63 13.53
N TYR A 537 -13.73 2.35 12.43
CA TYR A 537 -13.75 1.75 11.09
C TYR A 537 -12.47 1.03 10.65
N PRO A 538 -11.32 1.73 10.68
CA PRO A 538 -10.11 1.02 10.29
C PRO A 538 -9.85 -0.20 11.19
N THR A 539 -10.16 -0.09 12.48
CA THR A 539 -9.98 -1.21 13.40
C THR A 539 -10.88 -2.39 13.02
N ALA A 540 -12.14 -2.10 12.67
CA ALA A 540 -13.10 -3.13 12.28
C ALA A 540 -12.60 -3.93 11.07
N ILE A 541 -12.08 -3.21 10.08
CA ILE A 541 -11.56 -3.81 8.85
C ILE A 541 -10.36 -4.70 9.11
N LYS A 542 -9.41 -4.22 9.92
CA LYS A 542 -8.27 -5.04 10.35
C LYS A 542 -8.77 -6.37 10.92
N ILE A 543 -9.64 -6.29 11.92
CA ILE A 543 -10.24 -7.48 12.57
C ILE A 543 -10.90 -8.43 11.58
N ARG A 544 -11.75 -7.88 10.72
CA ARG A 544 -12.41 -8.70 9.68
C ARG A 544 -11.42 -9.33 8.68
N GLN A 545 -10.41 -8.58 8.26
CA GLN A 545 -9.38 -9.14 7.35
C GLN A 545 -8.72 -10.37 7.97
N GLU A 546 -8.33 -10.25 9.23
CA GLU A 546 -7.65 -11.32 9.96
C GLU A 546 -8.52 -12.55 10.15
N ILE A 547 -9.77 -12.35 10.58
CA ILE A 547 -10.77 -13.41 10.65
C ILE A 547 -11.02 -14.08 9.28
N GLY A 548 -11.07 -13.27 8.23
CA GLY A 548 -11.17 -13.74 6.84
C GLY A 548 -10.13 -14.72 6.37
N ARG A 549 -8.97 -14.79 7.04
CA ARG A 549 -7.96 -15.82 6.77
C ARG A 549 -8.44 -17.25 7.10
N LEU A 550 -9.45 -17.37 7.96
CA LEU A 550 -9.77 -18.64 8.61
C LEU A 550 -10.57 -19.61 7.76
N ILE A 551 -11.76 -19.21 7.32
CA ILE A 551 -12.66 -20.11 6.57
C ILE A 551 -12.56 -19.78 5.06
N ARG A 552 -11.91 -20.69 4.31
CA ARG A 552 -11.68 -20.55 2.88
C ARG A 552 -12.43 -21.62 2.05
N SER A 553 -13.55 -22.10 2.57
CA SER A 553 -14.29 -23.21 1.96
C SER A 553 -15.60 -23.49 2.69
N ALA A 554 -16.56 -24.06 1.96
CA ALA A 554 -17.81 -24.57 2.53
C ALA A 554 -17.58 -25.58 3.64
N GLU A 555 -16.54 -26.40 3.49
CA GLU A 555 -16.20 -27.45 4.46
C GLU A 555 -15.07 -27.07 5.45
N ASP A 556 -14.64 -25.81 5.44
CA ASP A 556 -13.52 -25.37 6.27
C ASP A 556 -14.03 -25.06 7.68
N THR A 557 -13.17 -25.32 8.65
CA THR A 557 -13.52 -25.28 10.06
C THR A 557 -12.49 -24.44 10.81
N GLY A 558 -12.93 -23.62 11.76
CA GLY A 558 -12.01 -22.77 12.49
C GLY A 558 -12.58 -21.92 13.60
N ALA A 559 -11.68 -21.45 14.47
CA ALA A 559 -12.04 -20.64 15.63
C ALA A 559 -11.24 -19.33 15.64
N ALA A 560 -11.92 -18.22 15.86
CA ALA A 560 -11.27 -16.93 16.10
C ALA A 560 -11.73 -16.41 17.45
N VAL A 561 -10.76 -15.99 18.28
CA VAL A 561 -11.02 -15.43 19.59
C VAL A 561 -10.28 -14.11 19.75
N ILE A 562 -11.00 -13.07 20.18
CA ILE A 562 -10.39 -11.78 20.47
C ILE A 562 -10.17 -11.68 21.97
N LEU A 563 -8.94 -11.39 22.37
CA LEU A 563 -8.59 -11.24 23.77
C LEU A 563 -8.57 -9.76 24.09
N ASP A 564 -9.76 -9.19 24.26
CA ASP A 564 -9.90 -7.77 24.59
C ASP A 564 -11.30 -7.45 25.10
N LYS A 565 -11.37 -6.83 26.29
CA LYS A 565 -12.57 -6.17 26.86
C LYS A 565 -13.49 -5.44 25.89
N ARG A 566 -12.88 -4.67 25.02
CA ARG A 566 -13.57 -3.67 24.21
C ARG A 566 -14.13 -4.28 22.92
N ALA A 567 -14.07 -5.60 22.77
CA ALA A 567 -14.44 -6.24 21.52
C ALA A 567 -15.94 -6.22 21.27
N GLY A 568 -16.75 -6.12 22.33
CA GLY A 568 -18.22 -6.04 22.20
C GLY A 568 -18.68 -4.96 21.25
N GLN A 569 -17.98 -3.83 21.23
CA GLN A 569 -18.34 -2.73 20.31
C GLN A 569 -18.09 -3.05 18.84
N PHE A 570 -17.44 -4.18 18.54
CA PHE A 570 -17.31 -4.64 17.15
C PHE A 570 -18.34 -5.69 16.74
N ARG A 571 -19.27 -6.04 17.64
CA ARG A 571 -20.38 -6.94 17.32
C ARG A 571 -21.21 -6.47 16.14
N LYS A 572 -21.47 -5.17 16.03
CA LYS A 572 -22.21 -4.65 14.88
C LYS A 572 -21.60 -5.04 13.53
N PHE A 573 -20.27 -5.14 13.46
CA PHE A 573 -19.57 -5.51 12.23
C PHE A 573 -19.32 -7.03 12.10
N ILE A 574 -19.29 -7.75 13.23
CA ILE A 574 -19.11 -9.21 13.25
C ILE A 574 -20.27 -9.82 14.07
N PRO A 575 -21.47 -9.95 13.45
CA PRO A 575 -22.67 -10.30 14.23
C PRO A 575 -22.70 -11.68 14.90
N ASP A 576 -21.92 -12.65 14.39
CA ASP A 576 -21.88 -14.01 14.99
C ASP A 576 -20.90 -14.16 16.17
N MET A 577 -20.28 -13.06 16.59
CA MET A 577 -19.29 -13.12 17.65
C MET A 577 -19.96 -13.35 18.99
N LYS A 578 -19.50 -14.37 19.70
CA LYS A 578 -20.03 -14.72 21.02
C LYS A 578 -19.07 -14.19 22.09
N LYS A 579 -19.55 -14.12 23.32
CA LYS A 579 -18.64 -13.90 24.44
C LYS A 579 -18.33 -15.27 25.05
N THR A 580 -17.09 -15.43 25.50
CA THR A 580 -16.68 -16.58 26.30
C THR A 580 -15.95 -16.09 27.54
N SER A 581 -16.25 -16.72 28.67
CA SER A 581 -15.56 -16.48 29.93
C SER A 581 -14.33 -17.38 30.09
N ASP A 582 -14.30 -18.53 29.39
CA ASP A 582 -13.02 -19.24 29.19
C ASP A 582 -12.85 -19.82 27.77
N PRO A 583 -12.07 -19.11 26.95
CA PRO A 583 -11.91 -19.54 25.57
C PRO A 583 -11.23 -20.90 25.38
N ALA A 584 -10.35 -21.31 26.29
CA ALA A 584 -9.67 -22.60 26.15
C ALA A 584 -10.66 -23.78 26.04
N SER A 585 -11.58 -23.88 26.99
CA SER A 585 -12.58 -24.95 26.97
C SER A 585 -13.56 -24.78 25.82
N ASP A 586 -14.08 -23.57 25.64
CA ASP A 586 -15.11 -23.36 24.62
C ASP A 586 -14.57 -23.63 23.20
N ILE A 587 -13.32 -23.27 22.93
CA ILE A 587 -12.74 -23.56 21.61
C ILE A 587 -12.42 -25.03 21.48
N TYR A 588 -11.85 -25.62 22.54
CA TYR A 588 -11.64 -27.06 22.61
C TYR A 588 -12.93 -27.82 22.30
N ASN A 589 -14.03 -27.46 22.97
CA ASN A 589 -15.34 -28.12 22.80
C ASN A 589 -15.92 -27.92 21.42
N PHE A 590 -15.69 -26.74 20.84
CA PHE A 590 -16.09 -26.46 19.47
C PHE A 590 -15.43 -27.44 18.47
N PHE A 591 -14.12 -27.70 18.62
CA PHE A 591 -13.43 -28.64 17.73
C PHE A 591 -13.86 -30.10 17.93
N ILE A 592 -14.16 -30.49 19.17
CA ILE A 592 -14.72 -31.84 19.42
C ILE A 592 -16.02 -31.98 18.64
N SER A 593 -16.89 -30.99 18.76
CA SER A 593 -18.18 -30.98 18.07
C SER A 593 -18.04 -30.93 16.53
N ALA A 594 -17.11 -30.10 16.04
CA ALA A 594 -16.77 -30.07 14.60
C ALA A 594 -16.28 -31.43 14.09
N GLN A 595 -15.37 -32.04 14.84
CA GLN A 595 -14.88 -33.40 14.54
C GLN A 595 -15.96 -34.47 14.54
N ALA A 596 -16.88 -34.38 15.50
CA ALA A 596 -18.04 -35.25 15.52
C ALA A 596 -18.97 -34.98 14.32
N ARG A 597 -18.96 -33.74 13.83
CA ARG A 597 -19.55 -33.32 12.54
C ARG A 597 -20.98 -32.81 12.72
FE1 SF4 C . 14.25 -0.68 -21.24
FE2 SF4 C . 14.67 1.70 -21.86
FE3 SF4 C . 15.50 0.76 -19.62
FE4 SF4 C . 16.65 0.06 -21.79
S1 SF4 C . 16.56 1.99 -20.97
S2 SF4 C . 16.02 -1.19 -20.22
S3 SF4 C . 14.96 0.00 -23.07
S4 SF4 C . 13.49 1.03 -20.26
NA NA D . 21.83 -12.18 -19.97
NA NA E . 27.09 23.19 3.77
#